data_5NC2
#
_entry.id   5NC2
#
_cell.length_a   147.781
_cell.length_b   44.024
_cell.length_c   34.667
_cell.angle_alpha   90.00
_cell.angle_beta   102.13
_cell.angle_gamma   90.00
#
_symmetry.space_group_name_H-M   'C 1 2 1'
#
loop_
_entity.id
_entity.type
_entity.pdbx_description
1 polymer 'Protein enabled homolog'
2 polymer Ac-[2-Cl-F]PPPPTEDEL-NH2
3 non-polymer 'SULFATE ION'
4 non-polymer 'NITRATE ION'
5 water water
#
loop_
_entity_poly.entity_id
_entity_poly.type
_entity_poly.pdbx_seq_one_letter_code
_entity_poly.pdbx_strand_id
1 'polypeptide(L)'
;GSMSEQSICQARAAVMVYDDANKKWVPAGGSTGFSRVHIYHHTGNNTFRVVGRKIQDHQVVINCAIPKGLKYNQATQTFH
QWRDARQVYGLNFGSKEDANVFASAMMHALEVL
;
A,B
2 'polypeptide(L)' (ACE)(2L5)PPPPTEDEL(NH2) I,J
#
loop_
_chem_comp.id
_chem_comp.type
_chem_comp.name
_chem_comp.formula
ACE non-polymer 'ACETYL GROUP' 'C2 H4 O'
NH2 non-polymer 'AMINO GROUP' 'H2 N'
NO3 non-polymer 'NITRATE ION' 'N O3 -1'
SO4 non-polymer 'SULFATE ION' 'O4 S -2'
#
# COMPACT_ATOMS: atom_id res chain seq x y z
N SER A 4 12.92 13.73 -13.00
CA SER A 4 13.23 14.52 -11.82
C SER A 4 13.42 13.63 -10.59
N GLU A 5 12.33 13.13 -10.03
CA GLU A 5 12.35 12.44 -8.75
C GLU A 5 11.91 10.99 -8.90
N GLN A 6 12.57 10.11 -8.17
CA GLN A 6 12.31 8.68 -8.18
C GLN A 6 11.80 8.31 -6.81
N SER A 7 10.73 7.51 -6.77
CA SER A 7 10.24 7.01 -5.50
C SER A 7 11.13 5.85 -5.08
N ILE A 8 11.65 5.90 -3.84
CA ILE A 8 12.48 4.82 -3.35
C ILE A 8 11.74 3.93 -2.35
N CYS A 9 10.53 4.29 -1.96
CA CYS A 9 9.68 3.37 -1.21
C CYS A 9 8.26 3.91 -1.17
N GLN A 10 7.33 2.99 -0.87
CA GLN A 10 5.92 3.30 -0.60
C GLN A 10 5.52 2.56 0.65
N ALA A 11 4.85 3.24 1.57
CA ALA A 11 4.39 2.63 2.80
C ALA A 11 3.05 3.21 3.21
N ARG A 12 2.20 2.35 3.77
CA ARG A 12 0.88 2.75 4.24
C ARG A 12 1.02 3.23 5.68
N ALA A 13 0.59 4.47 5.94
CA ALA A 13 0.61 5.00 7.29
C ALA A 13 -0.42 6.11 7.43
N ALA A 14 -0.93 6.26 8.66
CA ALA A 14 -1.66 7.47 9.02
C ALA A 14 -0.63 8.51 9.41
N VAL A 15 -0.60 9.63 8.71
CA VAL A 15 0.42 10.66 8.96
C VAL A 15 -0.09 11.61 10.03
N MET A 16 0.73 11.83 11.08
N MET A 16 0.75 11.92 11.03
CA MET A 16 0.36 12.70 12.19
CA MET A 16 0.29 12.77 12.11
C MET A 16 1.38 13.82 12.35
C MET A 16 1.37 13.77 12.48
N VAL A 17 0.93 14.93 12.96
CA VAL A 17 1.84 15.99 13.42
C VAL A 17 1.52 16.32 14.87
N TYR A 18 2.52 16.77 15.61
CA TYR A 18 2.30 16.92 17.03
C TYR A 18 1.94 18.36 17.31
N ASP A 19 0.81 18.54 17.98
CA ASP A 19 0.37 19.87 18.36
C ASP A 19 0.99 20.20 19.71
N ASP A 20 2.09 20.93 19.70
CA ASP A 20 2.83 21.13 20.94
C ASP A 20 2.05 21.97 21.94
N ALA A 21 1.27 22.94 21.46
CA ALA A 21 0.52 23.77 22.39
C ALA A 21 -0.52 22.96 23.16
N ASN A 22 -1.07 21.94 22.55
CA ASN A 22 -2.07 21.10 23.20
C ASN A 22 -1.56 19.72 23.59
N LYS A 23 -0.30 19.41 23.33
CA LYS A 23 0.31 18.12 23.69
C LYS A 23 -0.56 16.95 23.21
N LYS A 24 -0.81 16.93 21.92
CA LYS A 24 -1.62 15.90 21.29
C LYS A 24 -1.17 15.76 19.85
N TRP A 25 -1.23 14.52 19.36
CA TRP A 25 -1.06 14.25 17.94
C TRP A 25 -2.34 14.61 17.21
N VAL A 26 -2.18 15.19 16.02
CA VAL A 26 -3.35 15.51 15.19
C VAL A 26 -3.09 14.99 13.77
N PRO A 27 -4.13 14.62 13.01
CA PRO A 27 -3.87 14.12 11.66
C PRO A 27 -3.27 15.21 10.79
N ALA A 28 -2.26 14.83 10.03
CA ALA A 28 -1.65 15.75 9.08
C ALA A 28 -2.65 16.08 7.98
N GLY A 29 -2.69 17.37 7.62
CA GLY A 29 -3.61 17.81 6.61
C GLY A 29 -5.02 17.96 7.10
N GLY A 30 -5.27 17.62 8.37
CA GLY A 30 -6.55 17.83 8.98
C GLY A 30 -7.54 16.68 8.88
N SER A 31 -7.20 15.58 8.21
CA SER A 31 -8.18 14.53 7.94
C SER A 31 -7.62 13.17 8.36
N THR A 32 -8.30 12.50 9.27
CA THR A 32 -7.78 11.22 9.75
C THR A 32 -7.92 10.13 8.70
N GLY A 33 -6.92 9.27 8.61
CA GLY A 33 -7.01 8.11 7.74
C GLY A 33 -5.63 7.78 7.21
N PHE A 34 -5.57 6.73 6.41
CA PHE A 34 -4.27 6.27 5.94
C PHE A 34 -3.89 6.94 4.64
N SER A 35 -2.59 7.06 4.42
CA SER A 35 -1.98 7.67 3.26
C SER A 35 -1.00 6.67 2.66
N ARG A 36 -0.61 6.91 1.41
CA ARG A 36 0.53 6.24 0.81
C ARG A 36 1.71 7.19 0.95
N VAL A 37 2.74 6.79 1.67
CA VAL A 37 3.82 7.69 2.02
C VAL A 37 5.05 7.25 1.24
N HIS A 38 5.57 8.15 0.41
CA HIS A 38 6.76 7.88 -0.39
C HIS A 38 7.98 8.54 0.23
N ILE A 39 9.17 8.01 -0.05
CA ILE A 39 10.37 8.85 -0.02
C ILE A 39 10.79 9.01 -1.46
N TYR A 40 10.90 10.26 -1.90
CA TYR A 40 11.31 10.64 -3.25
C TYR A 40 12.76 11.10 -3.22
N HIS A 41 13.54 10.59 -4.16
CA HIS A 41 14.93 10.94 -4.35
C HIS A 41 15.05 11.83 -5.58
N HIS A 42 15.58 13.04 -5.38
CA HIS A 42 15.89 13.96 -6.47
C HIS A 42 17.37 13.77 -6.78
N THR A 43 17.68 13.14 -7.91
CA THR A 43 19.06 12.71 -8.15
C THR A 43 19.99 13.87 -8.48
N GLY A 44 19.48 14.94 -9.10
CA GLY A 44 20.33 16.05 -9.49
C GLY A 44 21.14 16.65 -8.35
N ASN A 45 20.52 16.79 -7.17
CA ASN A 45 21.23 17.32 -6.02
C ASN A 45 21.23 16.35 -4.85
N ASN A 46 20.87 15.09 -5.08
CA ASN A 46 20.85 14.03 -4.07
C ASN A 46 20.08 14.44 -2.82
N THR A 47 18.85 14.91 -3.02
CA THR A 47 18.00 15.30 -1.91
C THR A 47 16.84 14.33 -1.79
N PHE A 48 16.27 14.25 -0.58
CA PHE A 48 15.17 13.33 -0.36
C PHE A 48 14.03 14.05 0.35
N ARG A 49 12.81 13.60 0.05
N ARG A 49 12.80 13.65 0.04
CA ARG A 49 11.62 14.20 0.62
CA ARG A 49 11.67 14.24 0.73
C ARG A 49 10.63 13.10 0.97
C ARG A 49 10.59 13.19 0.93
N VAL A 50 9.93 13.29 2.07
CA VAL A 50 8.76 12.46 2.42
C VAL A 50 7.50 13.10 1.86
N VAL A 51 6.81 12.36 0.99
CA VAL A 51 5.57 12.88 0.39
C VAL A 51 4.48 11.82 0.60
N GLY A 52 3.42 12.21 1.25
CA GLY A 52 2.30 11.29 1.50
C GLY A 52 0.98 11.82 1.00
N ARG A 53 0.19 10.91 0.46
CA ARG A 53 -1.10 11.31 -0.10
C ARG A 53 -2.18 10.42 0.47
N LYS A 54 -3.32 11.04 0.86
CA LYS A 54 -4.44 10.27 1.40
C LYS A 54 -4.93 9.25 0.37
N ILE A 55 -5.21 8.04 0.86
CA ILE A 55 -5.67 6.99 -0.06
C ILE A 55 -6.97 7.44 -0.71
N GLN A 56 -7.83 8.13 0.05
CA GLN A 56 -9.18 8.44 -0.43
C GLN A 56 -9.17 9.50 -1.52
N ASP A 57 -8.65 10.68 -1.20
CA ASP A 57 -8.87 11.84 -2.07
C ASP A 57 -7.58 12.43 -2.61
N HIS A 58 -6.43 11.74 -2.43
CA HIS A 58 -5.13 12.13 -2.99
C HIS A 58 -4.54 13.39 -2.37
N GLN A 59 -5.12 13.92 -1.30
CA GLN A 59 -4.59 15.13 -0.70
C GLN A 59 -3.15 14.92 -0.25
N VAL A 60 -2.27 15.85 -0.58
CA VAL A 60 -0.94 15.80 0.01
C VAL A 60 -1.07 16.18 1.49
N VAL A 61 -0.63 15.29 2.38
CA VAL A 61 -0.67 15.58 3.80
C VAL A 61 0.71 15.78 4.40
N ILE A 62 1.77 15.43 3.67
CA ILE A 62 3.12 15.67 4.15
C ILE A 62 4.03 15.83 2.93
N ASN A 63 4.97 16.75 3.04
CA ASN A 63 5.86 17.08 1.95
C ASN A 63 7.06 17.72 2.64
N CYS A 64 7.96 16.89 3.16
N CYS A 64 7.95 16.87 3.13
CA CYS A 64 8.98 17.44 4.03
CA CYS A 64 8.99 17.24 4.08
C CYS A 64 10.35 16.86 3.71
C CYS A 64 10.36 16.82 3.53
N ALA A 65 11.31 17.76 3.53
CA ALA A 65 12.69 17.37 3.22
C ALA A 65 13.26 16.50 4.32
N ILE A 66 14.19 15.64 3.95
CA ILE A 66 14.99 14.82 4.88
C ILE A 66 16.38 15.44 4.91
N PRO A 67 16.77 16.16 5.96
CA PRO A 67 18.11 16.71 5.96
C PRO A 67 19.12 15.72 6.49
N LYS A 68 20.35 15.90 6.04
CA LYS A 68 21.47 15.14 6.55
C LYS A 68 21.54 15.36 8.06
N GLY A 69 21.75 14.26 8.77
CA GLY A 69 21.86 14.22 10.20
C GLY A 69 20.58 13.98 10.95
N LEU A 70 19.45 13.88 10.24
CA LEU A 70 18.19 13.64 10.93
C LEU A 70 18.25 12.45 11.89
N LYS A 71 17.68 12.64 13.06
CA LYS A 71 17.38 11.58 14.01
C LYS A 71 15.99 11.01 13.77
N TYR A 72 15.96 9.81 13.24
CA TYR A 72 14.75 9.06 12.96
C TYR A 72 14.53 8.10 14.12
N ASN A 73 13.48 8.32 14.86
CA ASN A 73 13.17 7.59 16.07
C ASN A 73 12.12 6.53 15.82
N GLN A 74 12.53 5.26 15.87
CA GLN A 74 11.60 4.14 15.70
C GLN A 74 11.01 3.84 17.08
N ALA A 75 10.04 4.69 17.48
CA ALA A 75 9.47 4.60 18.83
C ALA A 75 8.92 3.21 19.10
N THR A 76 8.10 2.69 18.19
CA THR A 76 7.59 1.33 18.28
C THR A 76 7.79 0.66 16.93
N GLN A 77 7.46 -0.64 16.86
CA GLN A 77 7.57 -1.30 15.59
C GLN A 77 6.56 -0.78 14.56
N THR A 78 5.55 -0.02 14.99
CA THR A 78 4.59 0.52 14.04
C THR A 78 4.36 2.02 14.16
N PHE A 79 5.13 2.75 14.96
CA PHE A 79 4.96 4.20 14.96
C PHE A 79 6.35 4.81 14.99
N HIS A 80 6.76 5.48 13.90
CA HIS A 80 8.07 6.13 13.86
C HIS A 80 7.90 7.64 13.75
N GLN A 81 8.91 8.40 14.17
CA GLN A 81 8.70 9.83 14.24
C GLN A 81 10.02 10.55 14.02
N TRP A 82 9.91 11.85 13.67
CA TRP A 82 11.10 12.69 13.53
C TRP A 82 10.65 14.14 13.66
N ARG A 83 11.61 15.05 13.66
N ARG A 83 11.62 15.05 13.70
CA ARG A 83 11.28 16.46 13.78
CA ARG A 83 11.34 16.47 13.84
C ARG A 83 12.17 17.27 12.87
C ARG A 83 12.17 17.27 12.86
N ASP A 84 11.75 18.50 12.60
CA ASP A 84 12.65 19.48 12.04
C ASP A 84 12.46 20.72 12.90
N ALA A 85 12.94 21.84 12.37
CA ALA A 85 12.94 23.06 13.14
C ALA A 85 11.53 23.59 13.38
N ARG A 86 10.52 23.09 12.68
CA ARG A 86 9.19 23.59 13.00
C ARG A 86 8.25 22.55 13.54
N GLN A 87 8.23 21.34 12.98
CA GLN A 87 7.16 20.39 13.28
C GLN A 87 7.76 19.07 13.75
N VAL A 88 6.96 18.29 14.51
CA VAL A 88 7.24 16.88 14.81
C VAL A 88 6.25 16.03 14.02
N TYR A 89 6.77 15.10 13.25
CA TYR A 89 5.99 14.23 12.38
C TYR A 89 5.95 12.81 12.94
N GLY A 90 4.84 12.14 12.75
CA GLY A 90 4.71 10.76 13.16
C GLY A 90 4.02 9.97 12.07
N LEU A 91 4.43 8.73 11.94
CA LEU A 91 3.82 7.81 10.98
C LEU A 91 3.30 6.60 11.74
N ASN A 92 1.99 6.38 11.67
CA ASN A 92 1.42 5.22 12.34
C ASN A 92 1.19 4.20 11.23
N PHE A 93 2.14 3.30 11.08
CA PHE A 93 2.09 2.43 9.91
C PHE A 93 0.96 1.41 9.98
N GLY A 94 0.47 1.05 8.79
CA GLY A 94 -0.56 0.02 8.70
C GLY A 94 -0.10 -1.38 9.04
N SER A 95 1.22 -1.63 9.11
CA SER A 95 1.72 -2.95 9.49
C SER A 95 3.18 -2.79 9.86
N LYS A 96 3.72 -3.81 10.52
CA LYS A 96 5.16 -3.84 10.75
C LYS A 96 5.93 -3.89 9.45
N GLU A 97 5.40 -4.60 8.44
CA GLU A 97 6.09 -4.66 7.16
C GLU A 97 6.19 -3.26 6.55
N ASP A 98 5.11 -2.46 6.64
CA ASP A 98 5.17 -1.08 6.14
C ASP A 98 6.21 -0.26 6.90
N ALA A 99 6.25 -0.41 8.21
CA ALA A 99 7.25 0.30 9.01
C ALA A 99 8.66 -0.11 8.61
N ASN A 100 8.90 -1.41 8.35
CA ASN A 100 10.24 -1.87 7.98
C ASN A 100 10.64 -1.31 6.63
N VAL A 101 9.72 -1.37 5.65
CA VAL A 101 10.04 -0.83 4.33
C VAL A 101 10.45 0.64 4.44
N PHE A 102 9.66 1.43 5.16
CA PHE A 102 9.90 2.86 5.23
C PHE A 102 11.18 3.18 5.98
N ALA A 103 11.39 2.56 7.14
CA ALA A 103 12.62 2.78 7.89
C ALA A 103 13.86 2.38 7.08
N SER A 104 13.76 1.31 6.29
N SER A 104 13.77 1.30 6.30
CA SER A 104 14.92 0.90 5.50
CA SER A 104 14.92 0.91 5.49
C SER A 104 15.27 1.93 4.44
C SER A 104 15.27 1.98 4.48
N ALA A 105 14.26 2.55 3.82
CA ALA A 105 14.52 3.58 2.82
C ALA A 105 15.05 4.83 3.50
N MET A 106 14.47 5.16 4.65
CA MET A 106 14.88 6.37 5.37
C MET A 106 16.30 6.22 5.83
N MET A 107 16.63 5.07 6.39
CA MET A 107 17.99 4.85 6.85
C MET A 107 18.98 4.88 5.70
N HIS A 108 18.60 4.30 4.55
CA HIS A 108 19.42 4.42 3.35
C HIS A 108 19.63 5.87 2.95
N ALA A 109 18.56 6.69 2.93
CA ALA A 109 18.70 8.11 2.60
C ALA A 109 19.68 8.79 3.53
N LEU A 110 19.61 8.48 4.81
CA LEU A 110 20.44 9.17 5.80
C LEU A 110 21.88 8.77 5.67
N GLU A 111 22.13 7.56 5.17
CA GLU A 111 23.49 7.09 4.97
C GLU A 111 24.14 7.76 3.77
N VAL A 112 23.39 7.98 2.69
CA VAL A 112 24.00 8.52 1.48
C VAL A 112 23.92 10.03 1.39
N LEU A 113 23.37 10.70 2.40
CA LEU A 113 23.23 12.14 2.35
C LEU A 113 24.54 12.74 2.82
N GLU B 5 3.87 -0.86 -20.22
CA GLU B 5 2.64 -1.02 -19.44
C GLU B 5 2.56 0.00 -18.31
N GLN B 6 1.36 0.49 -18.02
CA GLN B 6 1.14 1.51 -17.00
C GLN B 6 0.33 0.94 -15.85
N SER B 7 0.76 1.18 -14.62
CA SER B 7 -0.04 0.77 -13.47
C SER B 7 -1.21 1.73 -13.32
N ILE B 8 -2.44 1.20 -13.24
CA ILE B 8 -3.63 2.06 -13.08
C ILE B 8 -4.22 2.00 -11.68
N CYS B 9 -3.69 1.14 -10.79
CA CYS B 9 -4.02 1.23 -9.37
C CYS B 9 -3.02 0.39 -8.60
N GLN B 10 -2.95 0.65 -7.30
CA GLN B 10 -2.20 -0.17 -6.34
C GLN B 10 -3.12 -0.38 -5.17
N ALA B 11 -3.23 -1.63 -4.68
CA ALA B 11 -4.07 -1.89 -3.53
C ALA B 11 -3.44 -2.97 -2.67
N ARG B 12 -3.63 -2.84 -1.37
CA ARG B 12 -3.08 -3.80 -0.43
C ARG B 12 -4.05 -4.97 -0.25
N ALA B 13 -3.61 -6.19 -0.49
CA ALA B 13 -4.51 -7.31 -0.24
C ALA B 13 -3.72 -8.59 -0.05
N ALA B 14 -4.31 -9.52 0.69
CA ALA B 14 -3.79 -10.89 0.70
C ALA B 14 -4.35 -11.65 -0.49
N VAL B 15 -3.49 -12.15 -1.36
CA VAL B 15 -3.95 -12.80 -2.59
C VAL B 15 -4.17 -14.28 -2.33
N MET B 16 -5.37 -14.77 -2.68
N MET B 16 -5.35 -14.80 -2.68
CA MET B 16 -5.71 -16.17 -2.46
CA MET B 16 -5.64 -16.20 -2.42
C MET B 16 -6.10 -16.80 -3.79
C MET B 16 -6.25 -16.85 -3.65
N VAL B 17 -5.91 -18.14 -3.85
CA VAL B 17 -6.49 -18.97 -4.90
C VAL B 17 -7.28 -20.11 -4.28
N TYR B 18 -8.31 -20.57 -5.00
CA TYR B 18 -9.23 -21.54 -4.44
C TYR B 18 -8.79 -22.92 -4.88
N ASP B 19 -8.57 -23.78 -3.90
CA ASP B 19 -8.20 -25.18 -4.14
C ASP B 19 -9.49 -25.97 -4.24
N ASP B 20 -10.01 -26.17 -5.46
CA ASP B 20 -11.29 -26.84 -5.54
C ASP B 20 -11.22 -28.31 -5.12
N ALA B 21 -10.07 -28.96 -5.23
CA ALA B 21 -10.06 -30.36 -4.81
C ALA B 21 -10.26 -30.48 -3.30
N ASN B 22 -9.76 -29.52 -2.52
CA ASN B 22 -9.89 -29.55 -1.07
C ASN B 22 -10.93 -28.57 -0.54
N LYS B 23 -11.58 -27.82 -1.44
CA LYS B 23 -12.64 -26.88 -1.09
C LYS B 23 -12.20 -25.91 0.00
N LYS B 24 -11.09 -25.23 -0.25
CA LYS B 24 -10.57 -24.25 0.68
C LYS B 24 -9.70 -23.28 -0.11
N TRP B 25 -9.67 -22.03 0.36
CA TRP B 25 -8.74 -21.02 -0.13
C TRP B 25 -7.32 -21.27 0.41
N VAL B 26 -6.32 -21.02 -0.45
CA VAL B 26 -4.92 -21.15 -0.05
C VAL B 26 -4.16 -19.89 -0.47
N PRO B 27 -3.09 -19.49 0.22
CA PRO B 27 -2.41 -18.27 -0.21
C PRO B 27 -1.78 -18.42 -1.57
N ALA B 28 -1.95 -17.39 -2.40
CA ALA B 28 -1.33 -17.40 -3.72
C ALA B 28 0.19 -17.37 -3.59
N GLY B 29 0.84 -18.19 -4.42
CA GLY B 29 2.29 -18.31 -4.35
C GLY B 29 2.76 -19.14 -3.18
N GLY B 30 1.85 -19.57 -2.31
CA GLY B 30 2.21 -20.48 -1.25
C GLY B 30 2.60 -19.84 0.07
N SER B 31 2.62 -18.51 0.16
CA SER B 31 3.12 -17.82 1.35
C SER B 31 2.09 -16.80 1.80
N THR B 32 1.63 -16.97 3.03
CA THR B 32 0.59 -16.13 3.62
C THR B 32 1.12 -14.72 3.87
N GLY B 33 0.31 -13.71 3.54
CA GLY B 33 0.69 -12.34 3.85
C GLY B 33 0.18 -11.39 2.79
N PHE B 34 0.40 -10.08 3.03
CA PHE B 34 -0.18 -9.09 2.15
C PHE B 34 0.74 -8.78 0.99
N SER B 35 0.14 -8.39 -0.12
CA SER B 35 0.83 -8.02 -1.35
C SER B 35 0.37 -6.62 -1.77
N ARG B 36 1.15 -5.99 -2.66
CA ARG B 36 0.74 -4.79 -3.37
C ARG B 36 0.22 -5.30 -4.70
N VAL B 37 -1.06 -5.04 -5.01
CA VAL B 37 -1.72 -5.64 -6.17
C VAL B 37 -2.01 -4.52 -7.14
N HIS B 38 -1.44 -4.62 -8.33
CA HIS B 38 -1.64 -3.62 -9.38
C HIS B 38 -2.61 -4.13 -10.43
N ILE B 39 -3.26 -3.21 -11.13
CA ILE B 39 -3.76 -3.53 -12.48
C ILE B 39 -2.86 -2.73 -13.43
N TYR B 40 -2.20 -3.43 -14.34
CA TYR B 40 -1.33 -2.85 -15.35
C TYR B 40 -2.06 -2.82 -16.69
N HIS B 41 -1.98 -1.68 -17.38
CA HIS B 41 -2.62 -1.46 -18.69
C HIS B 41 -1.53 -1.51 -19.76
N HIS B 42 -1.66 -2.42 -20.72
CA HIS B 42 -0.75 -2.46 -21.86
C HIS B 42 -1.45 -1.71 -22.99
N THR B 43 -0.99 -0.49 -23.26
CA THR B 43 -1.71 0.39 -24.18
C THR B 43 -1.63 -0.09 -25.62
N GLY B 44 -0.56 -0.81 -25.98
CA GLY B 44 -0.40 -1.21 -27.38
C GLY B 44 -1.60 -1.97 -27.92
N ASN B 45 -2.09 -2.95 -27.15
CA ASN B 45 -3.24 -3.76 -27.56
C ASN B 45 -4.41 -3.65 -26.57
N ASN B 46 -4.39 -2.62 -25.74
CA ASN B 46 -5.43 -2.33 -24.75
C ASN B 46 -5.71 -3.56 -23.88
N THR B 47 -4.67 -4.12 -23.29
CA THR B 47 -4.89 -5.26 -22.42
C THR B 47 -4.58 -4.87 -20.98
N PHE B 48 -5.16 -5.63 -20.05
CA PHE B 48 -5.01 -5.39 -18.62
C PHE B 48 -4.65 -6.68 -17.90
N ARG B 49 -3.83 -6.56 -16.84
CA ARG B 49 -3.56 -7.75 -16.04
C ARG B 49 -3.39 -7.36 -14.58
N VAL B 50 -3.74 -8.29 -13.69
CA VAL B 50 -3.59 -8.14 -12.24
C VAL B 50 -2.23 -8.72 -11.89
N VAL B 51 -1.34 -7.89 -11.31
CA VAL B 51 -0.01 -8.36 -10.91
C VAL B 51 0.19 -7.98 -9.45
N GLY B 52 0.46 -8.97 -8.60
CA GLY B 52 0.66 -8.70 -7.17
C GLY B 52 1.98 -9.27 -6.71
N ARG B 53 2.67 -8.50 -5.86
N ARG B 53 2.68 -8.50 -5.87
CA ARG B 53 3.96 -8.89 -5.30
CA ARG B 53 3.98 -8.86 -5.31
C ARG B 53 3.91 -8.81 -3.79
C ARG B 53 3.91 -8.81 -3.79
N LYS B 54 4.42 -9.84 -3.10
CA LYS B 54 4.44 -9.83 -1.65
CA LYS B 54 4.43 -9.82 -1.65
C LYS B 54 5.22 -8.61 -1.14
N ILE B 55 4.66 -7.94 -0.13
CA ILE B 55 5.32 -6.78 0.47
C ILE B 55 6.70 -7.17 1.00
N GLN B 56 6.82 -8.38 1.57
CA GLN B 56 8.07 -8.74 2.24
C GLN B 56 9.21 -8.98 1.24
N ASP B 57 9.04 -9.94 0.34
CA ASP B 57 10.13 -10.46 -0.45
C ASP B 57 9.93 -10.26 -1.94
N HIS B 58 8.90 -9.51 -2.35
CA HIS B 58 8.67 -9.13 -3.74
C HIS B 58 8.26 -10.28 -4.66
N GLN B 59 7.95 -11.46 -4.12
CA GLN B 59 7.53 -12.59 -4.93
C GLN B 59 6.26 -12.22 -5.69
N VAL B 60 6.26 -12.49 -7.00
CA VAL B 60 5.02 -12.37 -7.77
C VAL B 60 4.11 -13.52 -7.37
N VAL B 61 2.93 -13.19 -6.83
CA VAL B 61 1.97 -14.20 -6.41
C VAL B 61 0.77 -14.30 -7.32
N ILE B 62 0.56 -13.33 -8.22
CA ILE B 62 -0.57 -13.34 -9.17
C ILE B 62 -0.13 -12.54 -10.39
N ASN B 63 -0.51 -13.02 -11.58
CA ASN B 63 -0.11 -12.42 -12.84
C ASN B 63 -1.12 -12.93 -13.85
N CYS B 64 -2.31 -12.35 -13.86
N CYS B 64 -2.28 -12.27 -13.89
CA CYS B 64 -3.41 -12.92 -14.61
CA CYS B 64 -3.50 -12.79 -14.49
C CYS B 64 -4.11 -11.88 -15.46
C CYS B 64 -4.01 -11.78 -15.51
N ALA B 65 -4.33 -12.24 -16.72
CA ALA B 65 -5.04 -11.37 -17.65
C ALA B 65 -6.47 -11.11 -17.16
N ILE B 66 -7.01 -9.94 -17.52
CA ILE B 66 -8.40 -9.61 -17.31
C ILE B 66 -9.10 -9.64 -18.67
N PRO B 67 -9.91 -10.64 -18.95
CA PRO B 67 -10.58 -10.68 -20.25
C PRO B 67 -11.84 -9.86 -20.27
N LYS B 68 -12.19 -9.40 -21.48
CA LYS B 68 -13.46 -8.75 -21.70
C LYS B 68 -14.58 -9.66 -21.22
N GLY B 69 -15.52 -9.10 -20.50
CA GLY B 69 -16.65 -9.86 -20.02
C GLY B 69 -16.48 -10.46 -18.66
N LEU B 70 -15.30 -10.31 -18.05
CA LEU B 70 -15.11 -10.88 -16.73
C LEU B 70 -16.22 -10.44 -15.77
N LYS B 71 -16.70 -11.41 -14.99
CA LYS B 71 -17.60 -11.17 -13.84
C LYS B 71 -16.77 -11.02 -12.57
N TYR B 72 -16.73 -9.80 -12.07
CA TYR B 72 -16.00 -9.42 -10.87
C TYR B 72 -16.98 -9.40 -9.71
N ASN B 73 -16.79 -10.30 -8.77
CA ASN B 73 -17.72 -10.51 -7.67
C ASN B 73 -17.23 -9.80 -6.41
N GLN B 74 -17.93 -8.74 -6.03
CA GLN B 74 -17.61 -8.04 -4.78
C GLN B 74 -18.42 -8.71 -3.67
N ALA B 75 -17.91 -9.86 -3.22
CA ALA B 75 -18.63 -10.69 -2.25
C ALA B 75 -18.90 -9.95 -0.96
N THR B 76 -17.85 -9.33 -0.39
CA THR B 76 -18.01 -8.45 0.76
C THR B 76 -17.26 -7.15 0.46
N GLN B 77 -17.36 -6.18 1.38
CA GLN B 77 -16.69 -4.90 1.18
C GLN B 77 -15.17 -5.01 1.28
N THR B 78 -14.62 -6.11 1.78
CA THR B 78 -13.17 -6.28 1.82
C THR B 78 -12.69 -7.59 1.21
N PHE B 79 -13.55 -8.36 0.52
CA PHE B 79 -13.08 -9.55 -0.18
C PHE B 79 -13.76 -9.61 -1.54
N HIS B 80 -12.97 -9.50 -2.62
CA HIS B 80 -13.51 -9.59 -3.96
C HIS B 80 -12.91 -10.78 -4.70
N GLN B 81 -13.60 -11.32 -5.70
CA GLN B 81 -13.09 -12.54 -6.29
C GLN B 81 -13.52 -12.59 -7.75
N TRP B 82 -12.83 -13.41 -8.53
CA TRP B 82 -13.22 -13.63 -9.93
C TRP B 82 -12.65 -14.98 -10.34
N ARG B 83 -13.02 -15.45 -11.52
N ARG B 83 -12.97 -15.38 -11.55
CA ARG B 83 -12.52 -16.74 -11.99
CA ARG B 83 -12.46 -16.64 -12.04
C ARG B 83 -12.27 -16.70 -13.49
C ARG B 83 -12.00 -16.49 -13.49
N ASP B 84 -11.34 -17.52 -13.95
CA ASP B 84 -11.15 -17.71 -15.39
C ASP B 84 -11.22 -19.21 -15.61
N ALA B 85 -10.79 -19.65 -16.78
CA ALA B 85 -10.95 -21.06 -17.13
C ALA B 85 -10.06 -21.95 -16.29
N ARG B 86 -9.03 -21.39 -15.67
CA ARG B 86 -7.99 -22.12 -14.96
C ARG B 86 -8.13 -22.07 -13.44
N GLN B 87 -8.55 -20.94 -12.89
CA GLN B 87 -8.38 -20.66 -11.46
C GLN B 87 -9.49 -19.76 -10.95
N VAL B 88 -9.73 -19.81 -9.63
CA VAL B 88 -10.53 -18.83 -8.89
C VAL B 88 -9.61 -18.04 -7.97
N TYR B 89 -9.63 -16.73 -8.12
CA TYR B 89 -8.79 -15.79 -7.39
C TYR B 89 -9.60 -15.01 -6.39
N GLY B 90 -8.98 -14.66 -5.26
CA GLY B 90 -9.63 -13.81 -4.29
C GLY B 90 -8.64 -12.81 -3.74
N LEU B 91 -9.16 -11.64 -3.40
CA LEU B 91 -8.34 -10.62 -2.79
C LEU B 91 -8.95 -10.27 -1.46
N ASN B 92 -8.20 -10.52 -0.39
CA ASN B 92 -8.68 -10.13 0.93
C ASN B 92 -8.00 -8.80 1.23
N PHE B 93 -8.70 -7.69 0.99
CA PHE B 93 -8.09 -6.36 1.04
C PHE B 93 -7.77 -5.97 2.45
N GLY B 94 -6.73 -5.15 2.60
CA GLY B 94 -6.36 -4.63 3.91
C GLY B 94 -7.30 -3.59 4.46
N SER B 95 -8.16 -3.02 3.63
CA SER B 95 -9.13 -2.03 4.09
C SER B 95 -10.24 -1.94 3.06
N LYS B 96 -11.36 -1.32 3.45
CA LYS B 96 -12.40 -1.03 2.48
C LYS B 96 -11.89 -0.07 1.42
N GLU B 97 -11.03 0.88 1.82
CA GLU B 97 -10.53 1.85 0.85
C GLU B 97 -9.72 1.16 -0.23
N ASP B 98 -8.94 0.15 0.16
CA ASP B 98 -8.17 -0.65 -0.81
C ASP B 98 -9.09 -1.39 -1.74
N ALA B 99 -10.13 -1.99 -1.17
CA ALA B 99 -11.14 -2.68 -1.96
C ALA B 99 -11.78 -1.73 -2.96
N ASN B 100 -12.08 -0.48 -2.53
CA ASN B 100 -12.74 0.47 -3.43
C ASN B 100 -11.81 0.90 -4.57
N VAL B 101 -10.53 1.16 -4.25
CA VAL B 101 -9.58 1.59 -5.27
C VAL B 101 -9.46 0.52 -6.35
N PHE B 102 -9.27 -0.72 -5.92
CA PHE B 102 -9.06 -1.81 -6.87
C PHE B 102 -10.32 -2.07 -7.68
N ALA B 103 -11.48 -2.16 -7.02
CA ALA B 103 -12.70 -2.39 -7.79
C ALA B 103 -12.99 -1.26 -8.77
N SER B 104 -12.67 -0.01 -8.40
N SER B 104 -12.70 0.00 -8.39
CA SER B 104 -12.91 1.09 -9.34
CA SER B 104 -12.91 1.08 -9.36
C SER B 104 -12.04 0.95 -10.58
C SER B 104 -12.07 0.86 -10.61
N ALA B 105 -10.80 0.48 -10.40
CA ALA B 105 -9.91 0.33 -11.54
C ALA B 105 -10.31 -0.89 -12.34
N MET B 106 -10.77 -1.93 -11.67
CA MET B 106 -11.20 -3.15 -12.35
C MET B 106 -12.43 -2.86 -13.18
N MET B 107 -13.38 -2.13 -12.60
CA MET B 107 -14.61 -1.82 -13.35
C MET B 107 -14.29 -0.93 -14.54
N HIS B 108 -13.36 0.01 -14.36
CA HIS B 108 -12.90 0.81 -15.50
C HIS B 108 -12.32 -0.07 -16.61
N ALA B 109 -11.42 -1.00 -16.29
CA ALA B 109 -10.86 -1.85 -17.30
C ALA B 109 -11.95 -2.64 -18.02
N LEU B 110 -12.95 -3.12 -17.29
CA LEU B 110 -13.94 -3.96 -17.91
C LEU B 110 -14.83 -3.11 -18.83
N GLU B 111 -14.92 -1.81 -18.58
CA GLU B 111 -15.75 -0.93 -19.41
C GLU B 111 -15.06 -0.58 -20.72
N VAL B 112 -13.73 -0.43 -20.70
CA VAL B 112 -13.02 0.00 -21.90
C VAL B 112 -12.47 -1.21 -22.67
N LEU B 113 -12.73 -2.42 -22.15
CA LEU B 113 -12.23 -3.60 -22.81
C LEU B 113 -13.26 -3.86 -23.90
C ACE C 1 12.17 14.59 21.45
O ACE C 1 12.09 15.17 20.36
CH3 ACE C 1 13.22 15.04 22.50
CL 2L5 C 2 10.33 13.21 17.47
C15 2L5 C 2 11.79 12.52 18.10
C19 2L5 C 2 12.92 12.67 17.32
C18 2L5 C 2 14.14 12.18 17.78
C17 2L5 C 2 14.22 11.56 19.03
C16 2L5 C 2 13.08 11.38 19.81
C14 2L5 C 2 11.85 11.92 19.34
C13 2L5 C 2 10.72 11.73 20.17
CA 2L5 C 2 10.29 13.03 20.94
N 2L5 C 2 11.37 13.58 21.82
C 2L5 C 2 9.04 12.72 21.81
O 2L5 C 2 9.18 12.13 22.88
N PRO C 3 7.84 13.14 21.39
CA PRO C 3 6.61 12.84 22.15
C PRO C 3 6.25 11.36 22.15
N PRO C 4 5.58 10.88 23.20
CA PRO C 4 5.11 9.49 23.20
C PRO C 4 4.22 9.25 22.00
N PRO C 5 4.11 8.00 21.55
CA PRO C 5 3.22 7.67 20.42
C PRO C 5 1.76 7.91 20.74
N PRO C 6 0.92 8.09 19.72
CA PRO C 6 -0.49 8.43 19.96
C PRO C 6 -1.26 7.26 20.56
N THR C 7 -2.51 7.56 20.88
CA THR C 7 -3.46 6.62 21.45
C THR C 7 -4.68 6.52 20.53
N GLU C 8 -5.64 5.71 20.94
CA GLU C 8 -6.88 5.56 20.19
C GLU C 8 -7.61 6.88 20.04
C ACE D 1 -19.15 -19.39 -8.56
O ACE D 1 -18.11 -19.30 -9.20
CH3 ACE D 1 -20.38 -20.11 -9.19
CL 2L5 D 2 -15.50 -16.48 -8.06
C15 2L5 D 2 -17.03 -15.87 -8.55
C19 2L5 D 2 -17.08 -15.22 -9.79
C18 2L5 D 2 -18.29 -14.71 -10.26
C17 2L5 D 2 -19.43 -14.88 -9.50
C16 2L5 D 2 -19.39 -15.53 -8.28
C14 2L5 D 2 -18.19 -16.05 -7.78
C13 2L5 D 2 -18.18 -16.71 -6.51
CA 2L5 D 2 -18.13 -18.27 -6.60
N 2L5 D 2 -19.30 -18.86 -7.33
C 2L5 D 2 -18.11 -18.91 -5.20
O 2L5 D 2 -19.14 -19.04 -4.53
N PRO D 3 -16.92 -19.32 -4.71
CA PRO D 3 -16.88 -19.86 -3.33
C PRO D 3 -17.01 -18.77 -2.28
N PRO D 4 -17.44 -19.14 -1.07
CA PRO D 4 -17.60 -18.15 0.00
C PRO D 4 -16.26 -17.57 0.41
N PRO D 5 -16.28 -16.39 1.03
CA PRO D 5 -15.02 -15.75 1.40
C PRO D 5 -14.25 -16.57 2.39
N PRO D 6 -12.90 -16.43 2.42
CA PRO D 6 -12.08 -17.26 3.30
C PRO D 6 -12.28 -16.96 4.78
N THR D 7 -12.18 -18.02 5.57
CA THR D 7 -12.20 -17.97 7.02
C THR D 7 -10.82 -17.60 7.54
N GLU D 8 -10.78 -17.29 8.84
CA GLU D 8 -9.50 -17.03 9.49
C GLU D 8 -8.58 -18.26 9.41
N ASP D 9 -9.15 -19.47 9.42
CA ASP D 9 -8.30 -20.66 9.32
C ASP D 9 -7.62 -20.74 7.97
N GLU D 10 -8.31 -20.34 6.91
CA GLU D 10 -7.69 -20.40 5.58
C GLU D 10 -6.65 -19.30 5.40
N LEU D 11 -6.90 -18.13 5.98
CA LEU D 11 -5.93 -17.05 5.93
C LEU D 11 -4.71 -17.46 6.76
N NH2 D 12 -4.90 -17.65 8.06
S SO4 E . -0.15 7.73 -5.25
O1 SO4 E . -0.77 7.95 -3.95
O2 SO4 E . 1.24 7.30 -5.07
O3 SO4 E . -0.21 8.96 -6.04
O4 SO4 E . -0.87 6.67 -5.96
N NO3 F . 1.42 20.06 2.82
O1 NO3 F . 0.92 20.53 1.75
O2 NO3 F . 0.68 19.71 3.78
O3 NO3 F . 2.69 19.96 2.92
N NO3 G . 1.48 1.89 0.31
O1 NO3 G . 2.09 1.88 -0.80
O2 NO3 G . 0.48 2.66 0.55
O3 NO3 G . 1.89 1.16 1.24
N NO3 H . 5.89 -3.17 -5.91
O1 NO3 H . 7.06 -3.51 -6.26
O2 NO3 H . 5.30 -2.23 -6.53
O3 NO3 H . 5.31 -3.76 -4.94
N NO3 I . -0.57 -0.90 -1.91
O1 NO3 I . -0.01 -0.19 -2.81
O2 NO3 I . -1.71 -0.57 -1.56
O3 NO3 I . -0.04 -1.98 -1.45
N NO3 J . -20.54 -6.36 3.43
O1 NO3 J . -19.30 -6.34 3.76
O2 NO3 J . -21.29 -5.37 3.67
O3 NO3 J . -21.02 -7.38 2.85
N NO3 K . -16.03 1.31 -5.75
O1 NO3 K . -16.03 2.35 -5.00
O2 NO3 K . -16.29 0.18 -5.23
O3 NO3 K . -15.78 1.40 -6.99
#